data_5A24
#
_entry.id   5A24
#
_cell.length_a   73.850
_cell.length_b   47.790
_cell.length_c   57.790
_cell.angle_alpha   90.00
_cell.angle_beta   92.44
_cell.angle_gamma   90.00
#
_symmetry.space_group_name_H-M   'C 1 2 1'
#
loop_
_entity.id
_entity.type
_entity.pdbx_description
1 polymer DIONAIN-1
2 non-polymer N-[N-[1-HYDROXYCARBOXYETHYL-CARBONYL]LEUCYLAMINO-BUTYL]-GUANIDINE
3 non-polymer 'PHOSPHATE ION'
4 water water
#
_entity_poly.entity_id   1
_entity_poly.type   'polypeptide(L)'
_entity_poly.pdbx_seq_one_letter_code
;VPAAVDWRTAGAVTPVKNQQQCGCCWAFSAVAAIEGATQIKTGTLTSLSEEQIVDCDTNGNDKGCNGGTPDGAFQYVVNN
QGIDTESDYPYTAGGGSPGTCSASSYQPAASITGYQDVPANNEQALQQAAATQPISVAIDASDPSFQSYSSGIYSGPCNT
NLDHAVTVVGYGTDPNSGNSYWIVKNSWGTSWGQEGYIWMQMGLNAPYGVCGIAMQASYPTA
;
_entity_poly.pdbx_strand_id   A
#
# COMPACT_ATOMS: atom_id res chain seq x y z
N VAL A 1 -20.63 -1.56 -9.53
CA VAL A 1 -19.16 -1.52 -9.45
C VAL A 1 -18.61 -1.13 -10.83
N PRO A 2 -17.80 -0.04 -10.89
CA PRO A 2 -17.28 0.42 -12.20
C PRO A 2 -16.33 -0.57 -12.83
N ALA A 3 -16.33 -0.60 -14.16
CA ALA A 3 -15.43 -1.48 -14.90
C ALA A 3 -13.97 -1.06 -14.82
N ALA A 4 -13.69 0.25 -14.64
CA ALA A 4 -12.31 0.71 -14.53
C ALA A 4 -12.19 1.79 -13.48
N VAL A 5 -11.07 1.80 -12.76
CA VAL A 5 -10.77 2.78 -11.69
C VAL A 5 -9.31 3.13 -11.75
N ASP A 6 -8.99 4.43 -11.64
CA ASP A 6 -7.58 4.82 -11.55
C ASP A 6 -7.45 5.99 -10.59
N TRP A 7 -7.12 5.68 -9.32
CA TRP A 7 -6.99 6.71 -8.28
C TRP A 7 -5.82 7.68 -8.57
N ARG A 8 -4.86 7.30 -9.44
CA ARG A 8 -3.74 8.20 -9.71
C ARG A 8 -4.19 9.44 -10.47
N THR A 9 -4.91 9.25 -11.60
CA THR A 9 -5.39 10.40 -12.34
C THR A 9 -6.61 11.04 -11.66
N ALA A 10 -7.27 10.34 -10.70
CA ALA A 10 -8.34 10.93 -9.93
C ALA A 10 -7.79 11.85 -8.82
N GLY A 11 -6.48 11.80 -8.58
CA GLY A 11 -5.81 12.70 -7.65
C GLY A 11 -5.59 12.21 -6.24
N ALA A 12 -5.70 10.92 -5.99
CA ALA A 12 -5.58 10.42 -4.62
C ALA A 12 -4.30 9.66 -4.34
N VAL A 13 -3.29 9.77 -5.25
CA VAL A 13 -2.04 9.00 -5.05
C VAL A 13 -0.84 9.91 -5.19
N THR A 14 0.02 9.83 -4.17
CA THR A 14 1.25 10.62 -4.18
C THR A 14 2.31 9.92 -5.06
N PRO A 15 3.47 10.59 -5.36
CA PRO A 15 4.51 9.91 -6.12
C PRO A 15 5.04 8.65 -5.42
N VAL A 16 5.65 7.79 -6.22
CA VAL A 16 6.24 6.54 -5.75
C VAL A 16 7.40 6.84 -4.82
N LYS A 17 7.45 6.06 -3.75
CA LYS A 17 8.49 6.16 -2.71
C LYS A 17 9.41 4.90 -2.76
N ASN A 18 10.51 4.92 -1.98
CA ASN A 18 11.44 3.79 -1.94
C ASN A 18 11.79 3.45 -0.50
N GLN A 19 11.40 2.24 -0.06
CA GLN A 19 11.66 1.75 1.30
C GLN A 19 13.12 1.36 1.46
N GLN A 20 13.82 1.13 0.33
CA GLN A 20 15.23 0.71 0.32
C GLN A 20 15.43 -0.58 1.16
N GLN A 21 16.45 -0.63 2.05
CA GLN A 21 16.81 -1.82 2.83
C GLN A 21 16.22 -1.84 4.24
N CYS A 22 14.94 -1.50 4.37
CA CYS A 22 14.17 -1.58 5.62
C CYS A 22 12.96 -2.43 5.34
N GLY A 23 12.76 -3.48 6.12
CA GLY A 23 11.60 -4.35 5.98
C GLY A 23 10.34 -3.74 6.55
N CYS A 24 9.99 -2.55 6.07
CA CYS A 24 8.80 -1.86 6.56
C CYS A 24 7.77 -1.61 5.47
N CYS A 25 7.63 -2.54 4.53
CA CYS A 25 6.64 -2.44 3.45
C CYS A 25 5.25 -2.19 4.05
N TRP A 26 4.98 -2.77 5.22
CA TRP A 26 3.71 -2.64 5.92
C TRP A 26 3.36 -1.16 6.16
N ALA A 27 4.37 -0.35 6.51
CA ALA A 27 4.15 1.05 6.79
C ALA A 27 3.96 1.85 5.50
N PHE A 28 4.69 1.50 4.41
CA PHE A 28 4.52 2.17 3.12
C PHE A 28 3.13 1.90 2.57
N SER A 29 2.68 0.65 2.63
CA SER A 29 1.35 0.30 2.15
C SER A 29 0.26 1.05 2.95
N ALA A 30 0.38 1.05 4.30
CA ALA A 30 -0.58 1.77 5.12
C ALA A 30 -0.61 3.24 4.82
N VAL A 31 0.57 3.87 4.67
CA VAL A 31 0.62 5.29 4.40
C VAL A 31 0.00 5.63 3.04
N ALA A 32 0.26 4.84 1.99
CA ALA A 32 -0.37 5.12 0.71
C ALA A 32 -1.89 5.05 0.84
N ALA A 33 -2.40 4.08 1.60
CA ALA A 33 -3.84 3.99 1.78
C ALA A 33 -4.40 5.18 2.58
N ILE A 34 -3.67 5.66 3.61
CA ILE A 34 -4.09 6.81 4.39
C ILE A 34 -4.05 8.08 3.52
N GLU A 35 -3.05 8.21 2.70
CA GLU A 35 -2.97 9.38 1.79
C GLU A 35 -4.18 9.42 0.85
N GLY A 36 -4.57 8.25 0.36
CA GLY A 36 -5.70 8.16 -0.55
C GLY A 36 -7.02 8.47 0.15
N ALA A 37 -7.25 7.83 1.31
CA ALA A 37 -8.49 8.07 2.03
C ALA A 37 -8.62 9.54 2.43
N THR A 38 -7.48 10.16 2.87
CA THR A 38 -7.46 11.57 3.30
C THR A 38 -7.80 12.47 2.12
N GLN A 39 -7.20 12.23 0.94
CA GLN A 39 -7.52 13.08 -0.19
C GLN A 39 -9.00 12.95 -0.60
N ILE A 40 -9.55 11.74 -0.59
CA ILE A 40 -10.94 11.56 -0.99
C ILE A 40 -11.87 12.33 -0.03
N LYS A 41 -11.52 12.35 1.24
CA LYS A 41 -12.36 13.03 2.22
C LYS A 41 -12.17 14.52 2.16
N THR A 42 -10.91 15.02 2.13
CA THR A 42 -10.67 16.47 2.32
C THR A 42 -10.36 17.24 1.06
N GLY A 43 -9.97 16.52 0.03
CA GLY A 43 -9.58 17.12 -1.24
C GLY A 43 -8.10 17.44 -1.35
N THR A 44 -7.36 17.30 -0.24
CA THR A 44 -5.95 17.61 -0.20
C THR A 44 -5.12 16.33 -0.29
N LEU A 45 -4.14 16.35 -1.19
CA LEU A 45 -3.18 15.25 -1.36
C LEU A 45 -1.84 15.67 -0.74
N THR A 46 -1.45 14.95 0.35
CA THR A 46 -0.20 15.27 1.04
C THR A 46 0.54 13.99 1.38
N SER A 47 1.87 13.97 1.08
CA SER A 47 2.67 12.79 1.41
CA SER A 47 2.69 12.81 1.40
C SER A 47 2.87 12.72 2.92
N LEU A 48 2.61 11.55 3.49
CA LEU A 48 2.67 11.36 4.94
C LEU A 48 3.85 10.51 5.35
N SER A 49 4.12 10.52 6.66
CA SER A 49 5.34 9.94 7.20
C SER A 49 5.33 8.44 7.52
N GLU A 50 6.02 7.65 6.67
CA GLU A 50 6.27 6.24 7.00
C GLU A 50 7.16 6.15 8.22
N GLU A 51 8.18 7.07 8.29
CA GLU A 51 9.14 7.01 9.39
C GLU A 51 8.45 7.16 10.74
N GLN A 52 7.40 7.99 10.83
CA GLN A 52 6.67 8.09 12.08
C GLN A 52 6.13 6.73 12.49
N ILE A 53 5.49 6.00 11.58
CA ILE A 53 4.94 4.71 11.95
C ILE A 53 6.07 3.75 12.33
N VAL A 54 7.15 3.70 11.55
CA VAL A 54 8.26 2.79 11.84
C VAL A 54 8.88 3.08 13.21
N ASP A 55 9.08 4.38 13.51
CA ASP A 55 9.70 4.77 14.78
C ASP A 55 8.81 4.69 16.01
N CYS A 56 7.50 4.98 15.85
CA CYS A 56 6.57 5.19 16.96
C CYS A 56 5.62 4.03 17.25
N ASP A 57 5.27 3.21 16.25
CA ASP A 57 4.34 2.10 16.42
C ASP A 57 5.13 0.90 16.95
N THR A 58 5.45 0.95 18.24
CA THR A 58 6.31 -0.03 18.92
C THR A 58 5.62 -0.66 20.15
N ASN A 59 4.34 -0.34 20.42
CA ASN A 59 3.65 -0.88 21.59
C ASN A 59 2.68 -2.01 21.20
N GLY A 60 2.67 -2.39 19.93
CA GLY A 60 1.80 -3.45 19.43
C GLY A 60 2.56 -4.58 18.76
N ASN A 61 2.01 -5.07 17.63
CA ASN A 61 2.63 -6.21 16.92
C ASN A 61 3.57 -5.78 15.78
N ASP A 62 3.71 -4.46 15.56
CA ASP A 62 4.56 -3.95 14.50
C ASP A 62 5.96 -3.66 15.02
N LYS A 63 6.95 -4.06 14.23
CA LYS A 63 8.36 -4.10 14.64
C LYS A 63 9.33 -3.36 13.72
N GLY A 64 8.98 -2.14 13.29
CA GLY A 64 9.86 -1.34 12.45
C GLY A 64 10.36 -2.02 11.20
N CYS A 65 11.71 -2.08 11.03
CA CYS A 65 12.35 -2.71 9.88
C CYS A 65 12.20 -4.25 9.94
N ASN A 66 11.69 -4.80 11.05
CA ASN A 66 11.52 -6.26 11.23
C ASN A 66 10.10 -6.76 10.87
N GLY A 67 9.29 -5.91 10.25
CA GLY A 67 7.96 -6.27 9.78
C GLY A 67 6.80 -5.83 10.65
N GLY A 68 5.63 -5.91 10.06
CA GLY A 68 4.38 -5.53 10.70
C GLY A 68 3.25 -5.77 9.73
N THR A 69 2.10 -5.14 9.96
CA THR A 69 0.99 -5.28 9.03
C THR A 69 0.34 -3.93 8.78
N PRO A 70 -0.31 -3.76 7.62
CA PRO A 70 -1.06 -2.49 7.41
C PRO A 70 -2.11 -2.24 8.49
N ASP A 71 -2.79 -3.29 9.03
CA ASP A 71 -3.78 -3.03 10.08
C ASP A 71 -3.13 -2.52 11.35
N GLY A 72 -1.96 -3.05 11.70
CA GLY A 72 -1.24 -2.54 12.87
C GLY A 72 -0.89 -1.07 12.72
N ALA A 73 -0.47 -0.69 11.49
CA ALA A 73 -0.17 0.72 11.18
C ALA A 73 -1.41 1.57 11.30
N PHE A 74 -2.56 1.11 10.75
CA PHE A 74 -3.80 1.87 10.89
C PHE A 74 -4.14 2.05 12.38
N GLN A 75 -4.04 0.96 13.18
CA GLN A 75 -4.36 1.03 14.60
C GLN A 75 -3.49 2.07 15.29
N TYR A 76 -2.19 2.12 14.94
CA TYR A 76 -1.30 3.11 15.53
C TYR A 76 -1.78 4.54 15.19
N VAL A 77 -2.14 4.80 13.92
CA VAL A 77 -2.55 6.15 13.54
C VAL A 77 -3.85 6.51 14.22
N VAL A 78 -4.78 5.53 14.36
CA VAL A 78 -6.02 5.75 15.10
C VAL A 78 -5.69 6.13 16.55
N ASN A 79 -4.84 5.35 17.21
CA ASN A 79 -4.47 5.59 18.63
C ASN A 79 -3.71 6.90 18.82
N ASN A 80 -2.86 7.25 17.87
CA ASN A 80 -2.09 8.48 17.94
C ASN A 80 -2.92 9.74 17.64
N GLN A 81 -4.10 9.57 17.00
CA GLN A 81 -5.01 10.66 16.59
C GLN A 81 -4.37 11.57 15.52
N GLY A 82 -3.38 11.04 14.82
CA GLY A 82 -2.78 11.75 13.73
C GLY A 82 -1.52 11.14 13.17
N ILE A 83 -1.15 11.66 12.01
CA ILE A 83 0.10 11.30 11.35
C ILE A 83 0.67 12.56 10.72
N ASP A 84 1.99 12.68 10.82
CA ASP A 84 2.74 13.83 10.32
C ASP A 84 3.07 13.73 8.84
N THR A 85 3.54 14.86 8.26
CA THR A 85 3.92 14.86 6.86
C THR A 85 5.29 14.24 6.64
N GLU A 86 5.50 13.73 5.41
CA GLU A 86 6.81 13.23 4.98
C GLU A 86 7.83 14.36 5.03
N SER A 87 7.38 15.57 4.64
CA SER A 87 8.27 16.74 4.63
C SER A 87 8.83 17.04 6.02
N ASP A 88 7.98 16.97 7.05
CA ASP A 88 8.43 17.26 8.41
C ASP A 88 9.20 16.10 9.01
N TYR A 89 8.72 14.85 8.73
CA TYR A 89 9.29 13.64 9.36
C TYR A 89 9.69 12.69 8.22
N PRO A 90 10.86 12.96 7.59
CA PRO A 90 11.28 12.17 6.42
C PRO A 90 11.80 10.79 6.75
N TYR A 91 11.83 9.98 5.70
CA TYR A 91 12.25 8.58 5.81
C TYR A 91 13.75 8.45 5.92
N THR A 92 14.22 7.92 7.05
CA THR A 92 15.66 7.77 7.31
C THR A 92 16.05 6.31 7.57
N ALA A 93 15.07 5.38 7.63
CA ALA A 93 15.35 3.98 7.93
C ALA A 93 15.84 3.15 6.72
N GLY A 94 16.12 3.80 5.58
CA GLY A 94 16.60 3.18 4.35
C GLY A 94 17.83 2.29 4.45
N GLY A 95 18.67 2.53 5.44
CA GLY A 95 19.86 1.72 5.69
C GLY A 95 19.59 0.54 6.63
N GLY A 96 18.34 0.41 7.06
CA GLY A 96 17.89 -0.65 7.96
C GLY A 96 17.83 -0.28 9.43
N SER A 97 17.92 1.01 9.75
CA SER A 97 17.89 1.47 11.14
C SER A 97 16.85 2.58 11.41
N PRO A 98 15.78 2.30 12.20
CA PRO A 98 14.85 3.40 12.57
C PRO A 98 15.47 4.27 13.66
N GLY A 99 14.76 5.30 14.07
CA GLY A 99 15.20 6.20 15.14
C GLY A 99 14.18 6.34 16.25
N THR A 100 14.46 7.24 17.20
CA THR A 100 13.60 7.60 18.34
C THR A 100 12.28 8.20 17.78
N CYS A 101 11.15 7.98 18.46
CA CYS A 101 9.86 8.52 18.02
C CYS A 101 9.84 10.06 18.13
N SER A 102 9.48 10.74 17.06
CA SER A 102 9.41 12.21 17.01
C SER A 102 8.06 12.70 16.56
N ALA A 103 7.00 11.87 16.73
CA ALA A 103 5.65 12.21 16.29
C ALA A 103 5.18 13.57 16.83
N SER A 104 5.43 13.86 18.13
CA SER A 104 4.97 15.10 18.76
C SER A 104 5.80 16.33 18.39
N SER A 105 6.85 16.16 17.56
CA SER A 105 7.69 17.31 17.18
C SER A 105 7.07 18.12 16.06
N TYR A 106 6.02 17.57 15.40
CA TYR A 106 5.42 18.21 14.24
C TYR A 106 3.90 18.28 14.34
N GLN A 107 3.34 19.16 13.51
CA GLN A 107 1.90 19.30 13.41
C GLN A 107 1.30 18.13 12.61
N PRO A 108 0.43 17.29 13.18
CA PRO A 108 -0.16 16.21 12.36
C PRO A 108 -0.96 16.79 11.17
N ALA A 109 -0.89 16.09 10.02
CA ALA A 109 -1.53 16.56 8.78
C ALA A 109 -2.77 15.76 8.41
N ALA A 110 -2.94 14.57 8.98
CA ALA A 110 -4.06 13.72 8.63
C ALA A 110 -4.43 12.87 9.82
N SER A 111 -5.65 12.30 9.81
CA SER A 111 -6.07 11.39 10.86
C SER A 111 -7.06 10.42 10.27
N ILE A 112 -7.25 9.31 10.97
CA ILE A 112 -8.26 8.31 10.56
C ILE A 112 -8.97 7.84 11.84
N THR A 113 -10.19 7.34 11.68
CA THR A 113 -10.97 6.91 12.86
C THR A 113 -11.01 5.38 13.02
N GLY A 114 -10.55 4.66 12.00
CA GLY A 114 -10.56 3.21 12.08
C GLY A 114 -10.11 2.63 10.75
N TYR A 115 -10.39 1.35 10.58
CA TYR A 115 -10.06 0.67 9.34
C TYR A 115 -11.00 -0.50 9.13
N GLN A 116 -11.05 -0.99 7.91
CA GLN A 116 -11.88 -2.13 7.56
C GLN A 116 -11.06 -3.19 6.86
N ASP A 117 -11.32 -4.46 7.20
CA ASP A 117 -10.71 -5.60 6.53
C ASP A 117 -11.63 -6.05 5.43
N VAL A 118 -11.05 -6.26 4.24
CA VAL A 118 -11.81 -6.76 3.11
C VAL A 118 -12.08 -8.24 3.35
N PRO A 119 -13.29 -8.77 3.01
CA PRO A 119 -13.50 -10.23 3.03
C PRO A 119 -12.33 -10.97 2.39
N ALA A 120 -11.78 -11.98 3.11
CA ALA A 120 -10.59 -12.69 2.66
C ALA A 120 -10.84 -13.54 1.46
N ASN A 121 -9.76 -13.73 0.64
CA ASN A 121 -9.79 -14.65 -0.50
C ASN A 121 -10.99 -14.35 -1.38
N ASN A 122 -11.15 -13.08 -1.76
CA ASN A 122 -12.36 -12.62 -2.39
C ASN A 122 -12.09 -11.45 -3.30
N GLU A 123 -11.77 -11.74 -4.58
CA GLU A 123 -11.44 -10.63 -5.50
C GLU A 123 -12.62 -9.77 -5.82
N GLN A 124 -13.86 -10.30 -5.76
CA GLN A 124 -15.03 -9.47 -6.00
C GLN A 124 -15.12 -8.42 -4.89
N ALA A 125 -14.97 -8.84 -3.63
CA ALA A 125 -15.01 -7.90 -2.51
C ALA A 125 -13.83 -6.91 -2.60
N LEU A 126 -12.64 -7.38 -3.05
CA LEU A 126 -11.50 -6.48 -3.18
C LEU A 126 -11.81 -5.43 -4.26
N GLN A 127 -12.43 -5.84 -5.37
CA GLN A 127 -12.78 -4.87 -6.43
C GLN A 127 -13.79 -3.83 -5.92
N GLN A 128 -14.79 -4.27 -5.15
CA GLN A 128 -15.77 -3.34 -4.59
C GLN A 128 -15.09 -2.31 -3.66
N ALA A 129 -14.13 -2.75 -2.86
CA ALA A 129 -13.41 -1.85 -1.97
C ALA A 129 -12.50 -0.91 -2.79
N ALA A 130 -11.78 -1.45 -3.79
CA ALA A 130 -10.84 -0.63 -4.59
C ALA A 130 -11.52 0.43 -5.38
N ALA A 131 -12.80 0.22 -5.73
CA ALA A 131 -13.56 1.27 -6.44
C ALA A 131 -13.82 2.45 -5.55
N THR A 132 -13.76 2.27 -4.21
CA THR A 132 -14.05 3.39 -3.30
C THR A 132 -12.81 4.11 -2.79
N GLN A 133 -11.64 3.45 -2.79
CA GLN A 133 -10.40 4.08 -2.30
C GLN A 133 -9.21 3.13 -2.49
N PRO A 134 -7.96 3.65 -2.43
CA PRO A 134 -6.80 2.74 -2.46
C PRO A 134 -6.81 1.74 -1.30
N ILE A 135 -6.34 0.52 -1.60
CA ILE A 135 -6.39 -0.58 -0.62
C ILE A 135 -5.02 -1.17 -0.34
N SER A 136 -4.71 -1.36 0.96
CA SER A 136 -3.48 -2.09 1.32
C SER A 136 -3.70 -3.56 1.11
N VAL A 137 -2.76 -4.22 0.43
CA VAL A 137 -2.84 -5.67 0.16
C VAL A 137 -1.52 -6.33 0.41
N ALA A 138 -1.58 -7.65 0.67
CA ALA A 138 -0.38 -8.48 0.85
C ALA A 138 -0.18 -9.40 -0.35
N ILE A 139 1.07 -9.57 -0.78
CA ILE A 139 1.39 -10.47 -1.87
C ILE A 139 2.65 -11.25 -1.57
N ASP A 140 2.86 -12.32 -2.34
CA ASP A 140 4.12 -13.04 -2.34
C ASP A 140 4.95 -12.39 -3.47
N ALA A 141 5.97 -11.64 -3.13
CA ALA A 141 6.80 -10.93 -4.12
C ALA A 141 8.18 -11.60 -4.31
N SER A 142 8.31 -12.86 -3.90
CA SER A 142 9.61 -13.55 -3.88
C SER A 142 10.06 -14.13 -5.22
N ASP A 143 9.19 -14.23 -6.24
CA ASP A 143 9.62 -14.83 -7.49
C ASP A 143 10.56 -13.91 -8.28
N PRO A 144 11.61 -14.44 -8.95
CA PRO A 144 12.48 -13.56 -9.75
C PRO A 144 11.70 -12.78 -10.80
N SER A 145 10.58 -13.35 -11.34
CA SER A 145 9.73 -12.67 -12.33
C SER A 145 9.08 -11.39 -11.73
N PHE A 146 8.86 -11.36 -10.41
CA PHE A 146 8.30 -10.17 -9.76
C PHE A 146 9.41 -9.16 -9.46
N GLN A 147 10.55 -9.68 -8.93
CA GLN A 147 11.70 -8.85 -8.58
C GLN A 147 12.22 -8.09 -9.79
N SER A 148 12.19 -8.72 -10.97
CA SER A 148 12.68 -8.13 -12.22
C SER A 148 11.58 -7.60 -13.13
N TYR A 149 10.32 -7.50 -12.63
CA TYR A 149 9.24 -6.98 -13.46
C TYR A 149 9.58 -5.62 -14.03
N SER A 150 9.25 -5.42 -15.31
CA SER A 150 9.46 -4.16 -16.03
C SER A 150 8.16 -3.60 -16.62
N SER A 151 7.36 -4.40 -17.35
CA SER A 151 6.11 -3.92 -17.95
C SER A 151 5.12 -5.07 -18.25
N GLY A 152 3.95 -4.72 -18.76
CA GLY A 152 2.92 -5.69 -19.13
C GLY A 152 2.06 -6.11 -17.94
N ILE A 153 1.22 -7.10 -18.18
CA ILE A 153 0.30 -7.66 -17.20
C ILE A 153 1.02 -8.82 -16.54
N TYR A 154 1.37 -8.66 -15.26
CA TYR A 154 2.08 -9.71 -14.52
C TYR A 154 1.11 -10.81 -14.13
N SER A 155 1.42 -12.06 -14.52
CA SER A 155 0.59 -13.21 -14.21
C SER A 155 1.35 -14.28 -13.42
N GLY A 156 2.57 -13.96 -13.00
CA GLY A 156 3.42 -14.93 -12.33
C GLY A 156 4.61 -15.34 -13.17
N PRO A 157 5.26 -16.45 -12.81
CA PRO A 157 4.86 -17.42 -11.77
C PRO A 157 5.07 -16.87 -10.36
N CYS A 158 4.13 -17.13 -9.45
CA CYS A 158 4.28 -16.71 -8.06
C CYS A 158 3.40 -17.56 -7.18
N ASN A 159 3.84 -17.79 -5.95
CA ASN A 159 3.11 -18.58 -4.97
C ASN A 159 2.28 -17.68 -4.09
N THR A 160 1.79 -18.20 -2.94
CA THR A 160 0.98 -17.43 -2.00
C THR A 160 1.62 -17.37 -0.60
N ASN A 161 2.96 -17.36 -0.56
CA ASN A 161 3.73 -17.26 0.66
C ASN A 161 3.93 -15.75 0.87
N LEU A 162 2.91 -15.11 1.48
CA LEU A 162 2.84 -13.65 1.59
C LEU A 162 4.03 -13.08 2.32
N ASP A 163 4.65 -12.04 1.73
CA ASP A 163 5.85 -11.45 2.35
C ASP A 163 6.00 -9.97 2.06
N HIS A 164 5.05 -9.37 1.35
CA HIS A 164 5.24 -7.96 0.99
C HIS A 164 3.90 -7.27 0.91
N ALA A 165 3.80 -6.06 1.48
CA ALA A 165 2.59 -5.27 1.39
C ALA A 165 2.76 -4.17 0.33
N VAL A 166 1.71 -3.99 -0.50
CA VAL A 166 1.68 -3.01 -1.58
C VAL A 166 0.32 -2.32 -1.56
N THR A 167 0.02 -1.44 -2.54
CA THR A 167 -1.24 -0.72 -2.51
C THR A 167 -1.92 -0.80 -3.86
N VAL A 168 -3.16 -1.25 -3.85
CA VAL A 168 -3.98 -1.25 -5.07
C VAL A 168 -4.58 0.16 -5.22
N VAL A 169 -4.32 0.78 -6.37
CA VAL A 169 -4.81 2.11 -6.65
C VAL A 169 -5.77 2.13 -7.82
N GLY A 170 -6.17 0.96 -8.30
CA GLY A 170 -7.18 0.93 -9.35
C GLY A 170 -7.14 -0.41 -10.06
N TYR A 171 -7.87 -0.46 -11.20
CA TYR A 171 -7.92 -1.63 -12.04
C TYR A 171 -8.35 -1.24 -13.42
N GLY A 172 -7.91 -2.03 -14.40
CA GLY A 172 -8.23 -1.75 -15.78
C GLY A 172 -8.25 -3.01 -16.61
N THR A 173 -8.38 -2.86 -17.91
CA THR A 173 -8.41 -3.97 -18.87
C THR A 173 -7.58 -3.58 -20.07
N ASP A 174 -6.72 -4.51 -20.51
CA ASP A 174 -5.91 -4.32 -21.70
C ASP A 174 -6.78 -4.59 -22.91
N PRO A 175 -6.87 -3.63 -23.86
CA PRO A 175 -7.78 -3.85 -25.00
C PRO A 175 -7.39 -5.01 -25.90
N ASN A 176 -6.09 -5.24 -26.15
CA ASN A 176 -5.73 -6.31 -27.09
C ASN A 176 -5.88 -7.72 -26.49
N SER A 177 -5.34 -7.97 -25.27
CA SER A 177 -5.49 -9.30 -24.66
C SER A 177 -6.89 -9.49 -24.06
N GLY A 178 -7.50 -8.39 -23.61
CA GLY A 178 -8.80 -8.50 -22.95
C GLY A 178 -8.67 -8.90 -21.48
N ASN A 179 -7.43 -8.96 -20.99
CA ASN A 179 -7.24 -9.33 -19.60
C ASN A 179 -7.24 -8.13 -18.72
N SER A 180 -7.84 -8.30 -17.54
CA SER A 180 -7.98 -7.25 -16.56
C SER A 180 -6.84 -7.33 -15.55
N TYR A 181 -6.56 -6.21 -14.89
CA TYR A 181 -5.43 -6.14 -13.96
C TYR A 181 -5.69 -5.15 -12.87
N TRP A 182 -5.07 -5.41 -11.73
CA TRP A 182 -4.97 -4.51 -10.62
C TRP A 182 -3.83 -3.54 -10.90
N ILE A 183 -4.03 -2.26 -10.60
CA ILE A 183 -2.96 -1.25 -10.69
C ILE A 183 -2.36 -1.13 -9.29
N VAL A 184 -1.09 -1.52 -9.16
CA VAL A 184 -0.45 -1.64 -7.86
C VAL A 184 0.77 -0.76 -7.70
N LYS A 185 0.75 0.09 -6.67
CA LYS A 185 1.82 0.97 -6.29
C LYS A 185 2.78 0.22 -5.39
N ASN A 186 4.01 0.02 -5.87
CA ASN A 186 5.01 -0.62 -5.04
C ASN A 186 5.87 0.48 -4.36
N SER A 187 6.73 0.07 -3.40
CA SER A 187 7.57 0.99 -2.62
C SER A 187 9.05 0.68 -2.88
N TRP A 188 9.38 0.36 -4.12
CA TRP A 188 10.78 0.03 -4.51
C TRP A 188 11.36 1.10 -5.45
N GLY A 189 10.81 2.30 -5.37
CA GLY A 189 11.22 3.43 -6.19
C GLY A 189 10.76 3.33 -7.62
N THR A 190 11.13 4.33 -8.45
CA THR A 190 10.66 4.41 -9.85
C THR A 190 11.50 3.60 -10.85
N SER A 191 12.63 3.02 -10.42
CA SER A 191 13.47 2.22 -11.30
C SER A 191 12.92 0.81 -11.49
N TRP A 192 12.03 0.38 -10.60
CA TRP A 192 11.41 -0.93 -10.65
C TRP A 192 10.06 -0.80 -11.38
N GLY A 193 9.72 -1.80 -12.18
CA GLY A 193 8.43 -1.81 -12.86
C GLY A 193 8.14 -0.64 -13.79
N GLN A 194 6.85 -0.30 -13.93
CA GLN A 194 6.38 0.82 -14.75
C GLN A 194 6.46 2.08 -13.90
N GLU A 195 7.67 2.69 -13.83
CA GLU A 195 7.88 3.85 -12.98
C GLU A 195 7.37 3.58 -11.53
N GLY A 196 7.61 2.36 -11.02
CA GLY A 196 7.23 2.02 -9.65
C GLY A 196 5.96 1.23 -9.48
N TYR A 197 5.19 1.07 -10.59
CA TYR A 197 3.90 0.37 -10.62
C TYR A 197 3.99 -0.97 -11.30
N ILE A 198 3.08 -1.85 -10.93
CA ILE A 198 2.91 -3.14 -11.56
C ILE A 198 1.44 -3.37 -11.84
N TRP A 199 1.15 -3.93 -13.01
CA TRP A 199 -0.20 -4.38 -13.36
C TRP A 199 -0.23 -5.86 -13.03
N MET A 200 -1.08 -6.27 -12.06
CA MET A 200 -1.15 -7.69 -11.62
C MET A 200 -2.49 -8.25 -12.08
N GLN A 201 -2.46 -9.31 -12.89
CA GLN A 201 -3.65 -9.80 -13.54
C GLN A 201 -4.73 -10.19 -12.54
N MET A 202 -5.96 -9.83 -12.87
CA MET A 202 -7.13 -10.20 -12.10
C MET A 202 -7.64 -11.61 -12.49
N GLY A 203 -8.35 -12.26 -11.58
CA GLY A 203 -8.97 -13.55 -11.86
C GLY A 203 -8.06 -14.76 -11.84
N LEU A 204 -6.86 -14.65 -11.23
CA LEU A 204 -5.94 -15.77 -11.19
C LEU A 204 -5.83 -16.41 -9.83
N ASN A 205 -5.30 -17.66 -9.79
CA ASN A 205 -5.03 -18.38 -8.54
C ASN A 205 -6.23 -18.30 -7.56
N ALA A 206 -7.43 -18.56 -8.09
CA ALA A 206 -8.65 -18.46 -7.29
C ALA A 206 -8.62 -19.43 -6.13
N PRO A 207 -9.08 -19.01 -4.94
CA PRO A 207 -9.66 -17.69 -4.61
C PRO A 207 -8.67 -16.67 -4.05
N TYR A 208 -7.35 -16.97 -4.08
CA TYR A 208 -6.31 -16.15 -3.45
C TYR A 208 -5.95 -14.92 -4.25
N GLY A 209 -6.10 -15.00 -5.56
CA GLY A 209 -5.65 -13.92 -6.44
C GLY A 209 -4.19 -14.12 -6.81
N VAL A 210 -3.74 -13.42 -7.87
CA VAL A 210 -2.34 -13.53 -8.31
C VAL A 210 -1.39 -13.15 -7.16
N CYS A 211 -0.44 -14.04 -6.88
CA CYS A 211 0.52 -13.87 -5.78
C CYS A 211 -0.16 -13.66 -4.44
N GLY A 212 -1.41 -14.09 -4.31
CA GLY A 212 -2.14 -13.92 -3.06
C GLY A 212 -2.74 -12.54 -2.82
N ILE A 213 -2.88 -11.69 -3.85
CA ILE A 213 -3.31 -10.29 -3.68
C ILE A 213 -4.66 -10.15 -2.99
N ALA A 214 -5.56 -11.16 -3.11
CA ALA A 214 -6.88 -11.04 -2.48
C ALA A 214 -6.94 -11.71 -1.10
N MET A 215 -5.79 -12.10 -0.53
CA MET A 215 -5.79 -12.81 0.73
C MET A 215 -5.93 -11.93 1.96
N GLN A 216 -5.24 -10.78 2.01
CA GLN A 216 -5.16 -9.97 3.25
C GLN A 216 -5.19 -8.51 2.86
N ALA A 217 -6.39 -7.97 2.70
CA ALA A 217 -6.57 -6.59 2.22
C ALA A 217 -7.35 -5.76 3.23
N SER A 218 -7.00 -4.46 3.31
CA SER A 218 -7.67 -3.58 4.26
C SER A 218 -7.47 -2.16 3.88
N TYR A 219 -8.24 -1.27 4.52
CA TYR A 219 -8.18 0.14 4.16
C TYR A 219 -8.67 0.97 5.30
N PRO A 220 -8.15 2.21 5.40
CA PRO A 220 -8.49 3.05 6.54
C PRO A 220 -9.74 3.87 6.32
N THR A 221 -10.43 4.23 7.42
CA THR A 221 -11.59 5.09 7.44
C THR A 221 -11.14 6.51 7.81
N ALA A 222 -11.15 7.45 6.87
CA ALA A 222 -10.70 8.82 7.16
C ALA A 222 -11.70 9.58 8.03
#